data_1VJT
#
_entry.id   1VJT
#
_cell.length_a   75.722
_cell.length_b   79.815
_cell.length_c   89.222
_cell.angle_alpha   90.00
_cell.angle_beta   101.99
_cell.angle_gamma   90.00
#
_symmetry.space_group_name_H-M   'C 1 2 1'
#
loop_
_entity.id
_entity.type
_entity.pdbx_description
1 polymer alpha-glucosidase
2 non-polymer NICOTINAMIDE-ADENINE-DINUCLEOTIDE
3 water water
#
_entity_poly.entity_id   1
_entity_poly.type   'polypeptide(L)'
_entity_poly.pdbx_seq_one_letter_code
;MGSDKIHHHHHH(MSE)KISIIGAGSVRFALQLVGDIAQTEELSREDTHIY(MSE)(MSE)DVHERRLNASYILARKYVE
ELNSPVKIVKTSSLDEAIDGADFIINTAYPYDPRYHDSGSQRWDEVTKVGEKHGYYRGIDSQELN(MSE)VSTYTYVLSS
YPD(MSE)KLALEIAEK(MSE)KK(MSE)APKAYL(MSE)QTANPVFEITQAVRRWTGANIVGFCHGVAGVYEVFEKLDL
DPEEVDWQVAGVNHGIWLNRFRYRGEDAYPLLDEWIEKKLPEWEPKNPWDTQ(MSE)SPAA(MSE)D(MSE)YKFYG
(MSE)LPIGDTVRNGSWKYHYNLETKKKWFGKFGGIDNEVERPKFHEQLRRARERLIKLAEEVQQNPG(MSE)KLTEEHP
EIFPKGKLSGEQHIPFINAIANNKRVRLFLNVENQGTLKDFPDDVV(MSE)ELPVWVDCCGIHREKVEPDLTHRIKIFYL
WPRILR(MSE)EWNLEAYISRDRKVLEEILIRDPRTKSYEQIVQVLDEIFNLPFNEELRRYYKEKL
;
_entity_poly.pdbx_strand_id   A
#
# COMPACT_ATOMS: atom_id res chain seq x y z
N HIS A 11 10.78 30.69 5.26
CA HIS A 11 10.12 30.16 4.03
C HIS A 11 8.74 29.59 4.37
N HIS A 12 8.06 29.09 3.35
CA HIS A 12 6.81 28.37 3.52
C HIS A 12 7.11 26.88 3.43
N LYS A 14 6.01 23.31 1.46
CA LYS A 14 5.31 22.76 0.29
C LYS A 14 5.15 21.26 0.44
N ILE A 15 3.91 20.80 0.46
CA ILE A 15 3.60 19.38 0.49
C ILE A 15 2.80 19.03 -0.75
N SER A 16 3.43 18.33 -1.68
CA SER A 16 2.78 17.99 -2.93
C SER A 16 2.17 16.59 -2.88
N ILE A 17 0.92 16.48 -3.31
CA ILE A 17 0.25 15.20 -3.40
C ILE A 17 0.10 14.84 -4.86
N ILE A 18 0.86 13.84 -5.31
CA ILE A 18 0.84 13.43 -6.71
C ILE A 18 -0.16 12.28 -6.86
N GLY A 19 -1.19 12.51 -7.67
CA GLY A 19 -2.33 11.61 -7.80
C GLY A 19 -3.45 12.00 -6.83
N ALA A 20 -3.69 13.29 -6.70
CA ALA A 20 -4.69 13.82 -5.76
C ALA A 20 -6.16 13.51 -6.14
N GLY A 21 -6.38 12.97 -7.34
CA GLY A 21 -7.69 12.45 -7.73
C GLY A 21 -8.17 11.26 -6.93
N SER A 22 -7.28 10.59 -6.20
CA SER A 22 -7.68 9.60 -5.20
C SER A 22 -8.34 10.36 -4.06
N VAL A 23 -9.55 10.82 -4.31
CA VAL A 23 -10.20 11.88 -3.54
C VAL A 23 -10.17 11.58 -2.03
N ARG A 24 -10.64 10.39 -1.66
CA ARG A 24 -10.78 10.03 -0.25
C ARG A 24 -9.43 10.02 0.49
N PHE A 25 -8.40 9.48 -0.16
CA PHE A 25 -7.07 9.43 0.46
C PHE A 25 -6.47 10.84 0.57
N ALA A 26 -6.65 11.64 -0.47
CA ALA A 26 -6.28 13.05 -0.44
C ALA A 26 -7.06 13.84 0.62
N LEU A 27 -8.35 13.52 0.78
CA LEU A 27 -9.20 14.21 1.75
C LEU A 27 -8.78 13.94 3.18
N GLN A 28 -8.32 12.72 3.44
CA GLN A 28 -7.85 12.37 4.78
C GLN A 28 -6.44 12.91 5.04
N LEU A 29 -5.63 13.07 4.00
CA LEU A 29 -4.36 13.78 4.12
C LEU A 29 -4.58 15.24 4.47
N VAL A 30 -5.37 15.94 3.67
CA VAL A 30 -5.68 17.34 3.92
C VAL A 30 -6.38 17.55 5.27
N GLY A 31 -7.21 16.59 5.67
CA GLY A 31 -7.86 16.63 6.97
C GLY A 31 -6.86 16.52 8.11
N ASP A 32 -5.91 15.61 7.98
CA ASP A 32 -4.90 15.42 9.01
C ASP A 32 -3.98 16.64 9.18
N ILE A 33 -3.57 17.29 8.09
CA ILE A 33 -2.65 18.42 8.25
C ILE A 33 -3.41 19.61 8.81
N ALA A 34 -4.64 19.78 8.37
CA ALA A 34 -5.48 20.91 8.80
C ALA A 34 -5.87 20.84 10.27
N GLN A 35 -5.77 19.65 10.86
CA GLN A 35 -6.11 19.42 12.26
C GLN A 35 -4.86 19.23 13.15
N THR A 36 -3.68 19.22 12.52
CA THR A 36 -2.40 19.16 13.21
C THR A 36 -1.93 20.58 13.52
N GLU A 37 -1.92 20.93 14.81
CA GLU A 37 -1.67 22.30 15.27
C GLU A 37 -0.44 22.97 14.65
N GLU A 38 0.66 22.22 14.49
CA GLU A 38 1.93 22.78 14.00
C GLU A 38 1.97 23.00 12.48
N LEU A 39 1.20 22.20 11.75
CA LEU A 39 1.16 22.29 10.28
C LEU A 39 0.03 23.17 9.77
N SER A 40 -1.03 23.32 10.57
CA SER A 40 -2.22 24.08 10.17
C SER A 40 -1.94 25.59 10.16
N ARG A 41 -0.99 25.99 9.31
CA ARG A 41 -0.49 27.35 9.29
C ARG A 41 -0.74 28.00 7.96
N GLU A 42 -0.76 29.32 7.96
CA GLU A 42 -0.81 30.11 6.74
C GLU A 42 0.36 29.72 5.80
N ASP A 43 1.51 29.41 6.37
CA ASP A 43 2.72 29.08 5.58
C ASP A 43 2.81 27.63 5.12
N THR A 44 1.72 26.87 5.24
CA THR A 44 1.67 25.52 4.73
C THR A 44 0.90 25.52 3.41
N HIS A 45 1.58 25.06 2.36
CA HIS A 45 1.01 25.01 1.03
C HIS A 45 0.83 23.56 0.60
N ILE A 46 -0.38 23.20 0.20
CA ILE A 46 -0.66 21.86 -0.31
C ILE A 46 -0.88 21.95 -1.81
N TYR A 47 0.05 21.36 -2.56
CA TYR A 47 -0.09 21.21 -3.99
C TYR A 47 -0.76 19.90 -4.32
N ASP A 50 -2.61 16.13 -10.47
CA ASP A 50 -3.20 14.94 -11.07
C ASP A 50 -3.39 15.17 -12.58
N VAL A 51 -3.41 14.10 -13.37
CA VAL A 51 -3.55 14.23 -14.83
C VAL A 51 -5.00 14.16 -15.30
N HIS A 52 -5.89 13.63 -14.47
CA HIS A 52 -7.30 13.52 -14.83
C HIS A 52 -8.11 14.61 -14.13
N GLU A 53 -8.59 15.56 -14.92
CA GLU A 53 -9.02 16.87 -14.41
C GLU A 53 -10.36 16.86 -13.71
N ARG A 54 -11.28 16.00 -14.15
CA ARG A 54 -12.57 15.83 -13.48
C ARG A 54 -12.36 15.51 -12.00
N ARG A 55 -11.51 14.53 -11.74
CA ARG A 55 -11.20 14.14 -10.36
C ARG A 55 -10.46 15.21 -9.59
N LEU A 56 -9.46 15.80 -10.24
CA LEU A 56 -8.66 16.86 -9.66
C LEU A 56 -9.53 18.02 -9.21
N ASN A 57 -10.35 18.52 -10.11
CA ASN A 57 -11.19 19.65 -9.75
C ASN A 57 -12.10 19.33 -8.54
N ALA A 58 -12.60 18.09 -8.47
CA ALA A 58 -13.46 17.66 -7.36
C ALA A 58 -12.70 17.68 -6.03
N SER A 59 -11.58 16.97 -5.99
CA SER A 59 -10.74 16.98 -4.80
C SER A 59 -10.41 18.40 -4.34
N TYR A 60 -10.11 19.27 -5.30
CA TYR A 60 -9.68 20.64 -5.00
C TYR A 60 -10.79 21.43 -4.34
N ILE A 61 -11.98 21.43 -4.95
CA ILE A 61 -13.08 22.19 -4.38
C ILE A 61 -13.57 21.57 -3.04
N LEU A 62 -13.59 20.23 -2.96
CA LEU A 62 -13.91 19.55 -1.70
C LEU A 62 -12.92 19.87 -0.61
N ALA A 63 -11.63 19.78 -0.93
CA ALA A 63 -10.57 20.09 0.02
C ALA A 63 -10.67 21.52 0.52
N ARG A 64 -10.86 22.46 -0.39
CA ARG A 64 -11.00 23.86 -0.01
C ARG A 64 -12.21 24.07 0.88
N LYS A 65 -13.32 23.42 0.55
CA LYS A 65 -14.52 23.54 1.36
C LYS A 65 -14.27 22.97 2.74
N TYR A 66 -13.56 21.85 2.78
CA TYR A 66 -13.30 21.09 4.00
C TYR A 66 -12.48 21.90 5.01
N VAL A 67 -11.31 22.40 4.58
CA VAL A 67 -10.44 23.18 5.46
C VAL A 67 -11.10 24.48 5.88
N GLU A 68 -11.95 25.03 5.01
CA GLU A 68 -12.73 26.22 5.34
C GLU A 68 -13.55 25.98 6.60
N GLU A 69 -14.15 24.80 6.69
CA GLU A 69 -15.02 24.42 7.82
C GLU A 69 -14.25 23.99 9.09
N LEU A 70 -13.03 23.49 8.93
CA LEU A 70 -12.15 23.23 10.06
C LEU A 70 -11.47 24.51 10.55
N ASN A 71 -11.68 25.61 9.83
CA ASN A 71 -11.04 26.88 10.09
C ASN A 71 -9.51 26.81 10.06
N SER A 72 -9.02 26.10 9.05
CA SER A 72 -7.60 25.96 8.80
C SER A 72 -7.14 26.98 7.74
N PRO A 73 -6.15 27.80 8.06
CA PRO A 73 -5.64 28.80 7.12
C PRO A 73 -4.69 28.23 6.08
N VAL A 74 -4.49 26.91 6.11
CA VAL A 74 -3.74 26.21 5.08
C VAL A 74 -4.18 26.64 3.68
N LYS A 75 -3.20 26.78 2.78
CA LYS A 75 -3.43 27.16 1.39
C LYS A 75 -3.41 25.91 0.50
N ILE A 76 -4.33 25.85 -0.46
CA ILE A 76 -4.44 24.69 -1.33
C ILE A 76 -4.37 25.09 -2.80
N VAL A 77 -3.44 24.50 -3.52
CA VAL A 77 -3.16 24.86 -4.90
C VAL A 77 -3.32 23.64 -5.79
N LYS A 78 -4.22 23.69 -6.76
CA LYS A 78 -4.27 22.62 -7.74
C LYS A 78 -3.34 22.94 -8.91
N THR A 79 -2.73 21.90 -9.45
CA THR A 79 -1.90 22.02 -10.62
C THR A 79 -2.10 20.83 -11.54
N SER A 80 -1.77 21.02 -12.80
CA SER A 80 -1.89 19.98 -13.78
C SER A 80 -0.53 19.40 -14.16
N SER A 81 0.56 20.12 -13.85
CA SER A 81 1.90 19.69 -14.25
C SER A 81 2.70 19.18 -13.08
N LEU A 82 3.34 18.03 -13.24
CA LEU A 82 4.14 17.45 -12.16
C LEU A 82 5.45 18.23 -11.85
N ASP A 83 6.00 18.97 -12.80
CA ASP A 83 7.19 19.79 -12.51
C ASP A 83 6.85 20.85 -11.48
N GLU A 84 5.78 21.61 -11.76
CA GLU A 84 5.28 22.65 -10.85
C GLU A 84 4.94 22.12 -9.45
N ALA A 85 4.50 20.86 -9.37
CA ALA A 85 4.23 20.22 -8.08
C ALA A 85 5.52 19.80 -7.35
N ILE A 86 6.54 19.39 -8.10
CA ILE A 86 7.79 18.93 -7.51
C ILE A 86 8.74 20.07 -7.22
N ASP A 87 8.70 21.12 -8.03
CA ASP A 87 9.63 22.24 -7.87
C ASP A 87 9.62 22.77 -6.44
N GLY A 88 10.75 22.62 -5.74
CA GLY A 88 10.93 23.20 -4.42
C GLY A 88 10.05 22.60 -3.35
N ALA A 89 9.58 21.38 -3.59
CA ALA A 89 8.73 20.70 -2.61
C ALA A 89 9.58 20.23 -1.44
N ASP A 90 9.00 20.25 -0.25
CA ASP A 90 9.62 19.69 0.95
C ASP A 90 9.23 18.23 1.15
N PHE A 91 7.97 17.92 0.83
CA PHE A 91 7.43 16.55 0.95
C PHE A 91 6.59 16.23 -0.28
N ILE A 92 6.81 15.06 -0.86
CA ILE A 92 6.12 14.65 -2.08
C ILE A 92 5.49 13.31 -1.81
N ILE A 93 4.16 13.28 -1.76
CA ILE A 93 3.43 12.04 -1.53
C ILE A 93 2.98 11.51 -2.89
N ASN A 94 3.47 10.32 -3.25
CA ASN A 94 3.09 9.70 -4.50
C ASN A 94 1.99 8.68 -4.25
N THR A 95 0.77 9.04 -4.60
CA THR A 95 -0.35 8.13 -4.49
C THR A 95 -1.02 7.94 -5.84
N ALA A 96 -0.23 7.98 -6.90
CA ALA A 96 -0.75 7.90 -8.27
C ALA A 96 -0.89 6.46 -8.73
N TYR A 97 -1.96 6.20 -9.47
CA TYR A 97 -2.22 4.89 -10.05
C TYR A 97 -2.42 5.14 -11.56
N PRO A 98 -1.32 5.09 -12.32
CA PRO A 98 -1.35 5.47 -13.74
C PRO A 98 -2.29 4.66 -14.60
N TYR A 99 -2.80 5.30 -15.65
CA TYR A 99 -3.54 4.58 -16.69
C TYR A 99 -3.67 5.40 -17.98
N ASP A 100 -4.28 4.79 -18.99
CA ASP A 100 -4.48 5.40 -20.30
C ASP A 100 -5.94 5.82 -20.43
N PRO A 101 -6.21 7.13 -20.48
CA PRO A 101 -7.59 7.64 -20.51
C PRO A 101 -8.37 7.35 -21.81
N ARG A 102 -7.64 7.02 -22.89
CA ARG A 102 -8.27 6.61 -24.16
C ARG A 102 -9.00 5.26 -24.04
N TYR A 103 -8.54 4.41 -23.14
CA TYR A 103 -9.17 3.11 -22.90
C TYR A 103 -9.85 2.99 -21.54
N HIS A 104 -9.24 3.57 -20.52
CA HIS A 104 -9.71 3.40 -19.16
C HIS A 104 -10.00 4.70 -18.46
N ASP A 105 -10.64 4.57 -17.29
CA ASP A 105 -10.95 5.71 -16.45
C ASP A 105 -10.38 5.54 -15.05
N SER A 106 -9.50 4.55 -14.84
CA SER A 106 -9.00 4.21 -13.50
C SER A 106 -7.90 3.15 -13.59
N GLY A 107 -6.88 3.30 -12.76
CA GLY A 107 -5.80 2.33 -12.71
C GLY A 107 -6.26 0.88 -12.54
N SER A 108 -7.27 0.66 -11.70
CA SER A 108 -7.65 -0.72 -11.36
C SER A 108 -8.30 -1.47 -12.52
N GLN A 109 -8.92 -0.73 -13.46
CA GLN A 109 -9.46 -1.33 -14.69
C GLN A 109 -8.43 -2.14 -15.46
N ARG A 110 -7.24 -1.58 -15.64
CA ARG A 110 -6.16 -2.29 -16.35
C ARG A 110 -5.72 -3.57 -15.60
N TRP A 111 -5.61 -3.51 -14.27
CA TRP A 111 -5.25 -4.69 -13.50
C TRP A 111 -6.36 -5.74 -13.61
N ASP A 112 -7.61 -5.29 -13.53
CA ASP A 112 -8.76 -6.19 -13.67
C ASP A 112 -8.74 -6.92 -15.01
N GLU A 113 -8.32 -6.23 -16.07
CA GLU A 113 -8.34 -6.82 -17.43
C GLU A 113 -7.20 -7.82 -17.70
N VAL A 114 -5.99 -7.52 -17.23
CA VAL A 114 -4.89 -8.48 -17.41
C VAL A 114 -5.12 -9.71 -16.54
N THR A 115 -5.83 -9.52 -15.43
CA THR A 115 -6.24 -10.63 -14.58
C THR A 115 -7.24 -11.57 -15.28
N LYS A 116 -8.14 -11.02 -16.09
CA LYS A 116 -9.08 -11.83 -16.89
C LYS A 116 -8.35 -12.64 -17.97
N VAL A 117 -7.40 -11.99 -18.64
CA VAL A 117 -6.53 -12.64 -19.64
C VAL A 117 -5.69 -13.75 -19.00
N GLY A 118 -5.26 -13.53 -17.76
CA GLY A 118 -4.47 -14.52 -17.03
C GLY A 118 -5.29 -15.74 -16.68
N GLU A 119 -6.54 -15.52 -16.26
CA GLU A 119 -7.45 -16.63 -15.97
C GLU A 119 -7.82 -17.38 -17.24
N LYS A 120 -8.06 -16.64 -18.33
CA LYS A 120 -8.30 -17.22 -19.65
C LYS A 120 -7.27 -18.30 -20.01
N HIS A 121 -6.01 -18.04 -19.64
CA HIS A 121 -4.87 -18.92 -19.93
C HIS A 121 -4.48 -19.84 -18.77
N GLY A 122 -5.36 -19.95 -17.77
CA GLY A 122 -5.23 -20.92 -16.70
C GLY A 122 -4.48 -20.44 -15.47
N TYR A 123 -4.38 -19.12 -15.28
CA TYR A 123 -3.76 -18.55 -14.08
C TYR A 123 -4.83 -17.89 -13.24
N TYR A 124 -5.24 -18.63 -12.20
CA TYR A 124 -6.33 -18.21 -11.31
C TYR A 124 -5.91 -16.96 -10.55
N ARG A 125 -6.77 -15.94 -10.55
CA ARG A 125 -6.48 -14.60 -9.98
C ARG A 125 -5.33 -13.87 -10.68
N GLY A 126 -5.01 -14.28 -11.91
CA GLY A 126 -4.09 -13.54 -12.75
C GLY A 126 -2.61 -13.83 -12.51
N ILE A 127 -1.81 -13.42 -13.48
CA ILE A 127 -0.36 -13.62 -13.49
C ILE A 127 0.36 -12.96 -12.27
N ASP A 128 -0.24 -11.90 -11.76
CA ASP A 128 0.31 -11.13 -10.64
C ASP A 128 -0.02 -11.73 -9.26
N SER A 129 -0.89 -12.75 -9.22
CA SER A 129 -1.13 -13.48 -7.97
C SER A 129 -0.12 -14.61 -7.82
N GLN A 130 0.97 -14.35 -7.09
CA GLN A 130 2.02 -15.36 -6.90
C GLN A 130 2.11 -15.75 -5.43
N GLU A 131 2.75 -16.88 -5.16
CA GLU A 131 2.89 -17.35 -3.79
C GLU A 131 3.66 -16.27 -3.03
N LEU A 132 3.17 -15.97 -1.83
CA LEU A 132 3.70 -14.88 -0.99
C LEU A 132 3.42 -13.47 -1.57
N ASN A 133 2.53 -13.37 -2.56
CA ASN A 133 1.79 -12.13 -2.84
C ASN A 133 0.51 -12.33 -3.64
N VAL A 135 -1.95 -10.32 -2.88
CA VAL A 135 -2.62 -9.03 -2.69
C VAL A 135 -2.98 -8.42 -4.03
N SER A 136 -4.28 -8.18 -4.22
CA SER A 136 -4.79 -7.71 -5.49
C SER A 136 -4.26 -6.31 -5.82
N THR A 137 -3.87 -6.15 -7.07
CA THR A 137 -3.38 -4.89 -7.61
C THR A 137 -2.03 -4.49 -7.07
N TYR A 138 -1.28 -5.43 -6.47
CA TYR A 138 0.01 -5.07 -5.89
C TYR A 138 1.02 -4.85 -7.00
N THR A 139 1.17 -5.87 -7.86
CA THR A 139 2.02 -5.75 -9.05
C THR A 139 1.14 -5.75 -10.31
N TYR A 140 1.70 -5.22 -11.40
CA TYR A 140 1.04 -5.20 -12.69
C TYR A 140 1.97 -5.82 -13.72
N VAL A 141 1.54 -6.96 -14.27
CA VAL A 141 2.39 -7.80 -15.11
C VAL A 141 3.82 -7.94 -14.58
N LEU A 142 3.94 -8.29 -13.29
CA LEU A 142 5.22 -8.59 -12.61
C LEU A 142 6.17 -7.39 -12.48
N SER A 143 6.52 -6.79 -13.61
CA SER A 143 7.35 -5.59 -13.69
C SER A 143 6.77 -4.32 -13.08
N SER A 144 5.43 -4.17 -13.09
CA SER A 144 4.78 -2.90 -12.68
C SER A 144 5.35 -1.66 -13.41
N TYR A 145 5.67 -1.82 -14.69
CA TYR A 145 6.24 -0.77 -15.51
C TYR A 145 5.58 0.62 -15.40
N PRO A 146 4.27 0.72 -15.59
CA PRO A 146 3.60 2.02 -15.48
C PRO A 146 3.89 2.73 -14.16
N ASP A 147 3.83 1.99 -13.06
CA ASP A 147 4.01 2.55 -11.72
C ASP A 147 5.48 2.82 -11.36
N LYS A 149 7.95 3.30 -13.63
CA LYS A 149 8.37 4.35 -14.52
C LYS A 149 8.05 5.73 -13.94
N LEU A 150 6.87 5.88 -13.36
CA LEU A 150 6.42 7.15 -12.79
C LEU A 150 7.22 7.57 -11.55
N ALA A 151 7.49 6.63 -10.65
CA ALA A 151 8.27 6.90 -9.45
C ALA A 151 9.74 7.24 -9.77
N LEU A 152 10.28 6.66 -10.84
CA LEU A 152 11.65 6.98 -11.25
C LEU A 152 11.68 8.33 -11.98
N GLU A 153 10.63 8.65 -12.72
CA GLU A 153 10.51 9.99 -13.29
C GLU A 153 10.45 11.04 -12.19
N ILE A 154 9.65 10.77 -11.17
CA ILE A 154 9.55 11.67 -10.04
C ILE A 154 10.92 11.84 -9.36
N ALA A 155 11.62 10.72 -9.16
CA ALA A 155 12.94 10.73 -8.52
C ALA A 155 14.01 11.47 -9.31
N GLU A 156 13.95 11.42 -10.63
CA GLU A 156 14.90 12.18 -11.47
C GLU A 156 14.57 13.67 -11.46
N LYS A 157 13.28 13.99 -11.40
CA LYS A 157 12.87 15.40 -11.39
C LYS A 157 13.16 16.04 -10.05
N LYS A 159 15.55 15.26 -7.79
CA LYS A 159 16.95 15.45 -7.47
C LYS A 159 17.47 16.77 -8.04
N LYS A 160 16.84 17.27 -9.09
CA LYS A 160 17.18 18.58 -9.65
C LYS A 160 16.44 19.72 -8.96
N ALA A 162 14.13 19.55 -6.22
CA ALA A 162 13.74 19.40 -4.82
C ALA A 162 14.72 18.48 -4.07
N PRO A 163 15.98 18.90 -3.96
CA PRO A 163 17.04 18.02 -3.48
C PRO A 163 16.87 17.63 -2.01
N LYS A 164 16.18 18.45 -1.23
CA LYS A 164 15.99 18.19 0.20
C LYS A 164 14.63 17.55 0.53
N ALA A 165 13.91 17.01 -0.45
CA ALA A 165 12.56 16.49 -0.21
C ALA A 165 12.58 15.03 0.20
N TYR A 166 11.51 14.63 0.86
CA TYR A 166 11.25 13.22 1.16
C TYR A 166 10.18 12.72 0.19
N LEU A 167 10.51 11.71 -0.60
CA LEU A 167 9.55 11.07 -1.48
C LEU A 167 8.82 9.95 -0.72
N GLN A 169 6.45 7.17 -0.86
CA GLN A 169 5.77 6.19 -1.73
C GLN A 169 4.60 5.52 -1.08
N THR A 170 3.43 5.72 -1.67
CA THR A 170 2.20 5.04 -1.26
C THR A 170 1.68 4.08 -2.33
N ALA A 171 1.92 4.38 -3.60
CA ALA A 171 1.50 3.54 -4.71
C ALA A 171 2.22 2.19 -4.70
N ASN A 172 1.54 1.16 -5.16
CA ASN A 172 2.12 -0.18 -5.21
C ASN A 172 2.82 -0.46 -6.53
N PRO A 173 3.77 -1.41 -6.53
CA PRO A 173 4.25 -2.10 -5.33
C PRO A 173 5.24 -1.26 -4.54
N VAL A 174 4.99 -1.09 -3.26
CA VAL A 174 5.83 -0.22 -2.44
C VAL A 174 7.22 -0.81 -2.20
N PHE A 175 7.27 -2.11 -1.97
CA PHE A 175 8.57 -2.77 -1.71
C PHE A 175 9.46 -2.67 -2.96
N GLU A 176 8.99 -3.17 -4.10
CA GLU A 176 9.72 -3.09 -5.36
C GLU A 176 10.11 -1.66 -5.74
N ILE A 177 9.15 -0.72 -5.69
CA ILE A 177 9.43 0.64 -6.12
C ILE A 177 10.43 1.33 -5.21
N THR A 178 10.22 1.19 -3.90
CA THR A 178 11.06 1.88 -2.92
C THR A 178 12.49 1.41 -3.08
N GLN A 179 12.64 0.10 -3.28
CA GLN A 179 13.94 -0.49 -3.48
C GLN A 179 14.60 0.03 -4.76
N ALA A 180 13.86 0.04 -5.86
CA ALA A 180 14.41 0.43 -7.16
C ALA A 180 14.89 1.87 -7.16
N VAL A 181 14.05 2.77 -6.67
CA VAL A 181 14.40 4.17 -6.57
C VAL A 181 15.63 4.37 -5.68
N ARG A 182 15.58 3.79 -4.48
CA ARG A 182 16.71 3.80 -3.56
C ARG A 182 18.00 3.39 -4.23
N ARG A 183 17.97 2.25 -4.88
CA ARG A 183 19.16 1.68 -5.49
C ARG A 183 19.61 2.41 -6.78
N TRP A 184 18.70 2.66 -7.71
CA TRP A 184 19.07 3.20 -9.02
C TRP A 184 19.23 4.71 -9.07
N THR A 185 18.52 5.43 -8.22
CA THR A 185 18.71 6.87 -8.07
C THR A 185 19.27 7.13 -6.69
N GLY A 186 19.55 8.38 -6.38
CA GLY A 186 19.97 8.71 -5.03
C GLY A 186 18.78 8.92 -4.12
N ALA A 187 17.64 9.19 -4.74
CA ALA A 187 16.53 9.89 -4.11
C ALA A 187 16.14 9.39 -2.71
N ASN A 188 15.74 10.35 -1.89
CA ASN A 188 15.40 10.14 -0.50
C ASN A 188 13.96 9.61 -0.36
N ILE A 189 13.78 8.34 -0.73
CA ILE A 189 12.46 7.73 -0.77
C ILE A 189 12.19 6.89 0.48
N VAL A 190 10.92 6.81 0.86
CA VAL A 190 10.48 6.07 2.04
C VAL A 190 9.12 5.47 1.73
N GLY A 191 8.98 4.16 1.94
CA GLY A 191 7.72 3.47 1.65
C GLY A 191 6.76 3.55 2.82
N PHE A 192 5.50 3.81 2.51
CA PHE A 192 4.44 3.91 3.49
C PHE A 192 3.37 2.88 3.23
N CYS A 193 2.90 2.27 4.30
CA CYS A 193 1.78 1.34 4.24
C CYS A 193 1.28 1.09 5.66
N HIS A 194 -0.03 0.97 5.85
CA HIS A 194 -0.52 0.87 7.22
C HIS A 194 -1.14 -0.48 7.63
N GLY A 195 -0.53 -1.57 7.14
CA GLY A 195 -0.91 -2.94 7.54
C GLY A 195 -0.69 -3.26 9.00
N VAL A 196 0.21 -2.53 9.64
CA VAL A 196 0.46 -2.67 11.07
C VAL A 196 -0.78 -2.52 11.99
N ALA A 197 -1.83 -1.85 11.52
CA ALA A 197 -3.01 -1.58 12.36
C ALA A 197 -3.79 -2.82 12.84
N GLY A 198 -3.72 -3.92 12.11
CA GLY A 198 -4.48 -5.14 12.46
C GLY A 198 -4.17 -5.72 13.83
N VAL A 199 -3.00 -5.36 14.36
CA VAL A 199 -2.49 -5.82 15.64
C VAL A 199 -3.42 -5.41 16.81
N TYR A 200 -4.09 -4.28 16.64
CA TYR A 200 -5.03 -3.78 17.63
C TYR A 200 -6.25 -4.68 17.74
N GLU A 201 -6.61 -5.35 16.65
CA GLU A 201 -7.70 -6.34 16.70
C GLU A 201 -7.30 -7.60 17.47
N VAL A 202 -6.03 -7.99 17.38
CA VAL A 202 -5.54 -9.16 18.11
C VAL A 202 -5.68 -8.93 19.62
N PHE A 203 -5.27 -7.74 20.07
CA PHE A 203 -5.31 -7.40 21.49
C PHE A 203 -6.74 -7.37 22.03
N GLU A 204 -7.65 -6.78 21.27
CA GLU A 204 -9.04 -6.71 21.70
C GLU A 204 -9.64 -8.12 21.81
N LYS A 205 -9.43 -8.94 20.79
CA LYS A 205 -9.99 -10.30 20.79
C LYS A 205 -9.47 -11.17 21.96
N LEU A 206 -8.31 -10.81 22.52
CA LEU A 206 -7.77 -11.53 23.68
C LEU A 206 -8.03 -10.77 24.99
N ASP A 207 -8.95 -9.81 24.96
CA ASP A 207 -9.29 -9.02 26.15
C ASP A 207 -8.09 -8.29 26.75
N LEU A 208 -7.26 -7.68 25.92
CA LEU A 208 -6.09 -6.98 26.41
C LEU A 208 -6.21 -5.50 26.14
N ASP A 209 -5.98 -4.70 27.19
CA ASP A 209 -5.85 -3.27 27.05
C ASP A 209 -4.65 -3.03 26.14
N PRO A 210 -4.88 -2.44 24.96
CA PRO A 210 -3.81 -2.26 23.97
C PRO A 210 -2.62 -1.50 24.50
N GLU A 211 -2.84 -0.45 25.29
CA GLU A 211 -1.72 0.32 25.82
C GLU A 211 -0.96 -0.43 26.93
N GLU A 212 -1.47 -1.57 27.39
CA GLU A 212 -0.77 -2.43 28.33
C GLU A 212 0.03 -3.55 27.68
N VAL A 213 0.12 -3.55 26.35
CA VAL A 213 0.85 -4.59 25.63
C VAL A 213 2.19 -4.06 25.13
N ASP A 214 3.26 -4.81 25.36
CA ASP A 214 4.58 -4.49 24.82
C ASP A 214 4.77 -5.31 23.55
N TRP A 215 4.70 -4.64 22.40
CA TRP A 215 4.72 -5.32 21.12
C TRP A 215 5.66 -4.68 20.10
N GLN A 216 5.91 -5.43 19.03
CA GLN A 216 6.73 -4.98 17.92
C GLN A 216 6.42 -5.87 16.71
N VAL A 217 6.45 -5.30 15.51
CA VAL A 217 6.43 -6.08 14.29
C VAL A 217 7.63 -5.72 13.41
N ALA A 218 7.92 -6.56 12.44
CA ALA A 218 8.99 -6.32 11.49
C ALA A 218 8.85 -7.29 10.33
N GLY A 219 9.41 -6.90 9.19
CA GLY A 219 9.56 -7.82 8.08
C GLY A 219 9.71 -7.10 6.78
N VAL A 220 8.76 -7.31 5.90
CA VAL A 220 8.82 -6.73 4.58
C VAL A 220 7.42 -6.19 4.32
N ASN A 221 7.26 -5.24 3.40
CA ASN A 221 5.92 -4.71 3.08
C ASN A 221 4.95 -5.88 2.80
N HIS A 222 3.79 -5.85 3.45
CA HIS A 222 2.80 -6.95 3.34
C HIS A 222 3.35 -8.32 3.74
N GLY A 223 4.41 -8.31 4.55
CA GLY A 223 5.07 -9.52 5.02
C GLY A 223 5.66 -9.29 6.41
N ILE A 224 4.82 -8.79 7.32
CA ILE A 224 5.27 -8.41 8.67
C ILE A 224 4.72 -9.36 9.72
N TRP A 225 5.50 -9.51 10.79
CA TRP A 225 5.25 -10.54 11.79
C TRP A 225 5.34 -9.96 13.16
N LEU A 226 4.56 -10.50 14.08
CA LEU A 226 4.51 -9.98 15.45
C LEU A 226 5.62 -10.64 16.25
N ASN A 227 6.82 -10.12 16.07
CA ASN A 227 7.99 -10.72 16.66
C ASN A 227 8.00 -10.58 18.18
N ARG A 228 7.40 -9.50 18.68
CA ARG A 228 7.33 -9.27 20.11
C ARG A 228 5.90 -9.03 20.53
N PHE A 229 5.41 -9.89 21.43
CA PHE A 229 4.08 -9.79 22.00
C PHE A 229 4.15 -10.14 23.48
N ARG A 230 4.18 -9.12 24.33
CA ARG A 230 4.33 -9.32 25.80
C ARG A 230 3.31 -8.56 26.64
N TYR A 231 2.99 -9.17 27.78
CA TYR A 231 2.06 -8.64 28.76
C TYR A 231 2.68 -8.84 30.14
N ARG A 232 2.78 -7.77 30.92
CA ARG A 232 3.39 -7.83 32.26
C ARG A 232 4.83 -8.41 32.22
N GLY A 233 5.59 -8.02 31.20
CA GLY A 233 6.95 -8.55 30.98
C GLY A 233 7.06 -10.06 30.76
N GLU A 234 6.03 -10.65 30.17
CA GLU A 234 5.97 -12.11 29.91
C GLU A 234 5.35 -12.39 28.54
N ASP A 235 5.92 -13.36 27.81
CA ASP A 235 5.40 -13.74 26.49
C ASP A 235 3.91 -14.03 26.59
N ALA A 236 3.12 -13.26 25.85
CA ALA A 236 1.67 -13.40 25.84
C ALA A 236 1.18 -14.32 24.72
N TYR A 237 2.08 -15.02 24.04
CA TYR A 237 1.67 -15.94 22.99
C TYR A 237 0.87 -17.17 23.46
N PRO A 238 1.01 -17.60 24.72
CA PRO A 238 0.08 -18.61 25.27
C PRO A 238 -1.39 -18.17 25.27
N LEU A 239 -1.63 -16.86 25.39
CA LEU A 239 -2.99 -16.32 25.29
C LEU A 239 -3.54 -16.51 23.88
N LEU A 240 -2.68 -16.43 22.87
CA LEU A 240 -3.11 -16.72 21.50
C LEU A 240 -3.37 -18.20 21.30
N ASP A 241 -2.53 -19.04 21.91
CA ASP A 241 -2.71 -20.50 21.85
C ASP A 241 -4.00 -20.92 22.53
N GLU A 242 -4.38 -20.20 23.58
CA GLU A 242 -5.64 -20.50 24.26
C GLU A 242 -6.82 -20.08 23.40
N TRP A 243 -6.73 -18.90 22.79
CA TRP A 243 -7.78 -18.41 21.89
C TRP A 243 -8.00 -19.37 20.73
N ILE A 244 -6.90 -19.92 20.20
CA ILE A 244 -7.01 -20.85 19.08
C ILE A 244 -7.79 -22.10 19.49
N GLU A 245 -7.54 -22.58 20.71
CA GLU A 245 -8.31 -23.71 21.22
C GLU A 245 -9.78 -23.37 21.31
N LYS A 246 -10.11 -22.35 22.10
CA LYS A 246 -11.50 -22.11 22.50
C LYS A 246 -12.34 -21.29 21.53
N LYS A 247 -11.77 -20.23 20.97
CA LYS A 247 -12.53 -19.25 20.20
C LYS A 247 -12.53 -19.48 18.70
N LEU A 248 -11.42 -19.94 18.13
CA LEU A 248 -11.30 -20.05 16.67
C LEU A 248 -12.39 -20.90 15.98
N PRO A 249 -12.83 -22.01 16.58
CA PRO A 249 -13.92 -22.81 16.00
C PRO A 249 -15.21 -22.05 15.68
N GLU A 250 -15.42 -20.92 16.34
CA GLU A 250 -16.63 -20.11 16.12
C GLU A 250 -16.34 -18.71 15.56
N TRP A 251 -15.10 -18.48 15.14
CA TRP A 251 -14.73 -17.22 14.52
C TRP A 251 -15.49 -17.06 13.20
N GLU A 252 -15.79 -15.82 12.84
CA GLU A 252 -16.40 -15.54 11.55
C GLU A 252 -16.14 -14.11 11.12
N PRO A 253 -15.82 -13.89 9.85
CA PRO A 253 -15.45 -12.56 9.39
C PRO A 253 -16.65 -11.62 9.34
N LYS A 254 -16.39 -10.33 9.58
CA LYS A 254 -17.41 -9.27 9.48
C LYS A 254 -17.62 -8.85 8.03
N ASN A 255 -16.57 -9.00 7.22
CA ASN A 255 -16.54 -8.53 5.83
C ASN A 255 -15.32 -9.15 5.15
N PRO A 256 -15.25 -9.12 3.82
CA PRO A 256 -14.14 -9.79 3.11
C PRO A 256 -12.71 -9.35 3.48
N TRP A 257 -12.55 -8.20 4.14
CA TRP A 257 -11.22 -7.76 4.63
C TRP A 257 -10.82 -8.34 5.99
N ASP A 258 -11.78 -8.91 6.71
CA ASP A 258 -11.55 -9.41 8.05
C ASP A 258 -10.88 -10.79 8.03
N THR A 259 -9.55 -10.82 8.08
CA THR A 259 -8.77 -12.08 8.05
C THR A 259 -7.77 -12.26 9.19
N GLN A 260 -7.59 -11.25 10.04
CA GLN A 260 -6.50 -11.25 11.02
C GLN A 260 -6.54 -12.45 11.97
N SER A 262 -8.23 -15.29 11.26
CA SER A 262 -8.78 -16.38 10.48
C SER A 262 -7.99 -17.69 10.71
N PRO A 263 -8.59 -18.82 10.35
CA PRO A 263 -7.88 -20.08 10.33
C PRO A 263 -6.60 -20.08 9.50
N ALA A 264 -6.58 -19.34 8.40
CA ALA A 264 -5.35 -19.20 7.59
C ALA A 264 -4.24 -18.52 8.40
N ALA A 265 -4.60 -17.48 9.14
CA ALA A 265 -3.63 -16.75 9.98
C ALA A 265 -3.09 -17.63 11.10
N ASP A 267 -3.02 -20.88 11.17
CA ASP A 267 -2.25 -21.95 10.55
C ASP A 267 -0.83 -21.49 10.26
N TYR A 269 0.55 -19.08 11.86
CA TYR A 269 1.13 -18.90 13.19
C TYR A 269 1.70 -20.21 13.71
N LYS A 270 0.91 -21.27 13.63
CA LYS A 270 1.36 -22.58 14.06
C LYS A 270 2.69 -22.95 13.41
N PHE A 271 2.81 -22.74 12.10
CA PHE A 271 4.01 -23.17 11.37
C PHE A 271 5.22 -22.24 11.63
N TYR A 272 5.03 -20.94 11.46
CA TYR A 272 6.13 -19.98 11.55
C TYR A 272 6.55 -19.58 12.97
N GLY A 273 5.63 -19.73 13.94
CA GLY A 273 5.91 -19.41 15.32
C GLY A 273 5.55 -17.99 15.74
N LEU A 275 2.67 -14.57 14.76
CA LEU A 275 1.45 -14.19 14.05
C LEU A 275 1.75 -13.24 12.89
N PRO A 276 1.29 -13.57 11.67
CA PRO A 276 1.39 -12.66 10.53
C PRO A 276 0.35 -11.56 10.63
N ILE A 277 0.75 -10.33 10.32
CA ILE A 277 -0.08 -9.15 10.62
C ILE A 277 -0.53 -8.44 9.35
N GLY A 278 -1.80 -8.04 9.34
CA GLY A 278 -2.42 -7.34 8.21
C GLY A 278 -2.50 -8.16 6.93
N ASP A 279 -1.96 -7.59 5.85
CA ASP A 279 -2.03 -8.17 4.52
C ASP A 279 -1.07 -9.34 4.33
N THR A 280 -0.12 -9.50 5.25
CA THR A 280 0.68 -10.72 5.35
C THR A 280 -0.22 -11.96 5.28
N VAL A 281 -1.36 -11.87 5.95
CA VAL A 281 -2.31 -12.99 6.04
C VAL A 281 -2.86 -13.33 4.66
N ARG A 282 -3.09 -12.31 3.84
CA ARG A 282 -3.45 -12.50 2.45
C ARG A 282 -2.31 -13.16 1.62
N ASN A 283 -1.07 -12.93 2.01
CA ASN A 283 0.10 -13.42 1.25
C ASN A 283 0.69 -14.71 1.82
N GLY A 284 -0.14 -15.74 1.93
CA GLY A 284 0.34 -17.05 2.34
C GLY A 284 0.77 -17.85 1.12
N SER A 285 1.05 -19.13 1.36
CA SER A 285 1.33 -20.07 0.28
C SER A 285 0.03 -20.41 -0.46
N TRP A 286 0.16 -21.18 -1.54
CA TRP A 286 -1.01 -21.58 -2.30
C TRP A 286 -1.98 -22.47 -1.53
N LYS A 287 -1.55 -22.97 -0.37
CA LYS A 287 -2.37 -23.84 0.49
C LYS A 287 -3.76 -23.26 0.72
N TYR A 288 -3.82 -21.94 0.87
CA TYR A 288 -5.06 -21.28 1.22
C TYR A 288 -5.83 -20.71 0.02
N HIS A 289 -5.28 -20.85 -1.21
CA HIS A 289 -5.75 -20.05 -2.35
C HIS A 289 -6.07 -20.81 -3.65
N TYR A 290 -6.10 -22.14 -3.61
CA TYR A 290 -6.24 -22.94 -4.85
C TYR A 290 -7.45 -22.52 -5.67
N ASN A 291 -8.55 -22.19 -4.99
CA ASN A 291 -9.80 -21.82 -5.64
C ASN A 291 -10.69 -21.15 -4.62
N LEU A 292 -11.88 -20.75 -5.04
CA LEU A 292 -12.83 -20.11 -4.14
C LEU A 292 -13.24 -21.00 -2.97
N GLU A 293 -13.59 -22.25 -3.24
CA GLU A 293 -14.01 -23.16 -2.16
C GLU A 293 -12.93 -23.30 -1.10
N THR A 294 -11.66 -23.39 -1.51
CA THR A 294 -10.55 -23.51 -0.57
C THR A 294 -10.33 -22.21 0.21
N LYS A 295 -10.46 -21.07 -0.47
CA LYS A 295 -10.40 -19.76 0.21
C LYS A 295 -11.48 -19.62 1.28
N LYS A 296 -12.66 -20.15 1.04
CA LYS A 296 -13.75 -20.04 2.00
C LYS A 296 -13.52 -20.92 3.24
N LYS A 297 -12.82 -22.03 3.08
CA LYS A 297 -12.46 -22.85 4.23
C LYS A 297 -11.48 -22.13 5.17
N TRP A 298 -10.54 -21.38 4.59
CA TRP A 298 -9.47 -20.76 5.37
C TRP A 298 -9.70 -19.31 5.78
N PHE A 299 -10.60 -18.61 5.10
CA PHE A 299 -10.85 -17.19 5.39
C PHE A 299 -12.29 -16.88 5.81
N GLY A 300 -13.19 -17.85 5.79
CA GLY A 300 -14.61 -17.61 6.10
C GLY A 300 -15.51 -17.44 4.88
N LYS A 301 -16.78 -17.12 5.11
CA LYS A 301 -17.82 -17.13 4.07
C LYS A 301 -17.54 -16.31 2.80
N PHE A 302 -16.74 -15.24 2.90
CA PHE A 302 -16.41 -14.42 1.72
C PHE A 302 -15.26 -14.98 0.90
N GLY A 303 -14.48 -15.87 1.47
CA GLY A 303 -13.26 -16.33 0.82
C GLY A 303 -12.25 -15.22 0.75
N GLY A 304 -12.27 -14.31 1.72
CA GLY A 304 -11.38 -13.15 1.73
C GLY A 304 -11.67 -12.19 0.59
N ILE A 305 -10.79 -11.21 0.39
CA ILE A 305 -11.06 -10.14 -0.59
C ILE A 305 -10.48 -10.45 -1.98
N ASP A 306 -9.48 -11.32 -2.04
CA ASP A 306 -8.75 -11.58 -3.27
C ASP A 306 -9.39 -12.75 -4.02
N ASN A 307 -10.58 -12.53 -4.56
CA ASN A 307 -11.22 -13.55 -5.37
C ASN A 307 -12.11 -13.00 -6.51
N GLU A 308 -12.54 -13.93 -7.37
CA GLU A 308 -13.44 -13.69 -8.52
C GLU A 308 -14.66 -12.84 -8.22
N VAL A 309 -15.20 -12.95 -7.00
CA VAL A 309 -16.45 -12.31 -6.65
C VAL A 309 -16.24 -11.02 -5.87
N GLU A 310 -15.46 -11.08 -4.80
CA GLU A 310 -15.30 -9.93 -3.88
C GLU A 310 -14.43 -8.79 -4.42
N ARG A 311 -13.43 -9.09 -5.24
CA ARG A 311 -12.58 -8.03 -5.79
C ARG A 311 -13.27 -7.13 -6.84
N PRO A 312 -13.90 -7.72 -7.86
CA PRO A 312 -14.69 -6.90 -8.80
C PRO A 312 -15.80 -6.15 -8.10
N LYS A 313 -16.40 -6.78 -7.10
CA LYS A 313 -17.40 -6.12 -6.26
C LYS A 313 -16.77 -4.90 -5.57
N PHE A 314 -15.57 -5.08 -5.02
CA PHE A 314 -14.89 -4.00 -4.32
C PHE A 314 -14.48 -2.85 -5.26
N HIS A 315 -13.98 -3.19 -6.44
CA HIS A 315 -13.60 -2.17 -7.41
C HIS A 315 -14.83 -1.43 -7.96
N GLU A 316 -15.98 -2.08 -7.95
CA GLU A 316 -17.23 -1.45 -8.38
C GLU A 316 -17.72 -0.44 -7.35
N GLN A 317 -17.58 -0.78 -6.07
CA GLN A 317 -17.87 0.15 -4.96
C GLN A 317 -16.96 1.36 -4.98
N LEU A 318 -15.70 1.13 -5.31
CA LEU A 318 -14.70 2.19 -5.32
C LEU A 318 -15.00 3.17 -6.46
N ARG A 319 -15.37 2.62 -7.62
CA ARG A 319 -15.74 3.42 -8.78
C ARG A 319 -17.00 4.22 -8.47
N ARG A 320 -18.02 3.54 -7.97
CA ARG A 320 -19.25 4.18 -7.54
C ARG A 320 -18.96 5.37 -6.61
N ALA A 321 -17.99 5.21 -5.71
CA ALA A 321 -17.63 6.27 -4.75
C ALA A 321 -16.92 7.48 -5.38
N ARG A 322 -16.09 7.27 -6.41
CA ARG A 322 -15.45 8.39 -7.12
C ARG A 322 -16.52 9.25 -7.75
N GLU A 323 -17.42 8.61 -8.51
CA GLU A 323 -18.49 9.30 -9.19
C GLU A 323 -19.29 10.16 -8.22
N ARG A 324 -19.54 9.65 -7.01
CA ARG A 324 -20.29 10.38 -5.99
C ARG A 324 -19.58 11.63 -5.49
N LEU A 325 -18.27 11.50 -5.27
CA LEU A 325 -17.48 12.61 -4.76
C LEU A 325 -17.38 13.71 -5.80
N ILE A 326 -17.27 13.32 -7.07
CA ILE A 326 -17.35 14.27 -8.17
C ILE A 326 -18.72 14.99 -8.14
N LYS A 327 -19.78 14.22 -7.93
CA LYS A 327 -21.13 14.78 -7.96
C LYS A 327 -21.41 15.62 -6.71
N LEU A 328 -20.68 15.33 -5.63
CA LEU A 328 -20.75 16.11 -4.40
C LEU A 328 -20.07 17.45 -4.60
N ALA A 329 -18.96 17.45 -5.32
CA ALA A 329 -18.26 18.67 -5.68
C ALA A 329 -19.14 19.61 -6.49
N GLU A 330 -19.90 19.08 -7.44
CA GLU A 330 -20.87 19.90 -8.15
C GLU A 330 -21.95 20.42 -7.20
N GLU A 331 -22.27 19.66 -6.14
CA GLU A 331 -23.21 20.14 -5.10
C GLU A 331 -22.70 21.34 -4.26
N VAL A 332 -21.44 21.34 -3.84
CA VAL A 332 -20.93 22.45 -3.02
C VAL A 332 -20.80 23.71 -3.87
N GLN A 333 -20.47 23.53 -5.14
CA GLN A 333 -20.50 24.60 -6.11
C GLN A 333 -21.91 25.15 -6.17
N GLN A 334 -22.87 24.25 -6.37
CA GLN A 334 -24.29 24.62 -6.45
C GLN A 334 -24.86 25.10 -5.11
N ASN A 335 -24.44 24.50 -3.99
CA ASN A 335 -24.90 24.91 -2.64
C ASN A 335 -23.75 25.43 -1.79
N PRO A 336 -23.33 26.68 -1.98
CA PRO A 336 -22.24 27.24 -1.17
C PRO A 336 -22.43 27.04 0.36
N GLY A 337 -23.67 27.16 0.83
CA GLY A 337 -23.96 27.20 2.26
C GLY A 337 -23.94 25.90 3.06
N LYS A 339 -22.84 22.42 4.87
CA LYS A 339 -21.64 22.06 5.62
C LYS A 339 -21.30 20.57 5.44
N LEU A 340 -20.15 20.29 4.83
CA LEU A 340 -19.68 18.92 4.60
C LEU A 340 -19.42 18.13 5.88
N THR A 341 -19.08 18.84 6.95
CA THR A 341 -18.84 18.24 8.26
C THR A 341 -20.13 17.61 8.80
N GLU A 342 -21.24 18.29 8.56
CA GLU A 342 -22.57 17.84 9.00
C GLU A 342 -23.23 16.85 8.05
N GLU A 343 -23.14 17.12 6.75
CA GLU A 343 -23.86 16.34 5.73
C GLU A 343 -23.26 14.94 5.49
N HIS A 344 -21.94 14.82 5.57
CA HIS A 344 -21.29 13.53 5.36
C HIS A 344 -20.13 13.35 6.32
N PRO A 345 -20.43 13.22 7.63
CA PRO A 345 -19.36 13.24 8.64
C PRO A 345 -18.43 12.04 8.54
N GLU A 346 -18.91 10.95 7.94
CA GLU A 346 -18.07 9.79 7.64
C GLU A 346 -16.86 10.23 6.82
N ILE A 347 -17.11 11.00 5.78
CA ILE A 347 -16.05 11.38 4.82
C ILE A 347 -15.27 12.63 5.25
N PHE A 348 -15.89 13.51 6.03
CA PHE A 348 -15.24 14.75 6.48
C PHE A 348 -15.25 14.85 8.01
N PRO A 349 -14.41 14.06 8.67
CA PRO A 349 -14.33 14.07 10.14
C PRO A 349 -13.75 15.36 10.72
N LYS A 350 -14.35 15.78 11.82
CA LYS A 350 -13.93 16.95 12.57
C LYS A 350 -13.37 16.42 13.89
N GLY A 351 -12.23 16.95 14.32
CA GLY A 351 -11.61 16.55 15.57
C GLY A 351 -11.17 15.09 15.68
N LYS A 352 -10.94 14.43 14.55
CA LYS A 352 -10.33 13.08 14.57
C LYS A 352 -9.23 13.00 13.52
N LEU A 353 -8.36 12.00 13.69
CA LEU A 353 -7.28 11.81 12.78
C LEU A 353 -7.44 10.50 12.03
N SER A 354 -6.93 10.48 10.81
CA SER A 354 -7.04 9.33 9.91
C SER A 354 -6.44 8.06 10.51
N GLY A 355 -5.43 8.20 11.38
CA GLY A 355 -4.61 7.07 11.82
C GLY A 355 -3.59 6.63 10.78
N GLU A 356 -3.50 7.36 9.67
CA GLU A 356 -2.47 7.12 8.66
C GLU A 356 -1.17 7.74 9.14
N GLN A 357 -0.03 7.18 8.72
CA GLN A 357 1.30 7.57 9.23
C GLN A 357 1.93 8.77 8.51
N HIS A 358 1.30 9.22 7.42
CA HIS A 358 1.87 10.23 6.53
C HIS A 358 2.08 11.59 7.18
N ILE A 359 1.07 12.09 7.88
CA ILE A 359 1.20 13.41 8.49
C ILE A 359 2.04 13.41 9.78
N PRO A 360 1.86 12.44 10.67
CA PRO A 360 2.82 12.23 11.76
C PRO A 360 4.29 12.25 11.31
N PHE A 361 4.55 11.65 10.17
CA PHE A 361 5.90 11.63 9.61
C PHE A 361 6.33 13.05 9.27
N ILE A 362 5.46 13.80 8.61
CA ILE A 362 5.81 15.14 8.17
C ILE A 362 6.02 16.07 9.35
N ASN A 363 5.14 15.94 10.33
CA ASN A 363 5.19 16.76 11.53
C ASN A 363 6.42 16.43 12.40
N ALA A 364 6.91 15.20 12.27
CA ALA A 364 8.11 14.74 12.98
C ALA A 364 9.36 15.35 12.37
N ILE A 365 9.47 15.26 11.07
CA ILE A 365 10.63 15.75 10.36
C ILE A 365 10.65 17.27 10.33
N ALA A 366 9.54 17.88 9.96
CA ALA A 366 9.44 19.34 9.91
C ALA A 366 9.53 20.00 11.28
N ASN A 367 8.77 19.51 12.25
CA ASN A 367 8.61 20.18 13.56
C ASN A 367 9.04 19.37 14.78
N ASN A 368 9.86 18.35 14.57
CA ASN A 368 10.44 17.58 15.68
C ASN A 368 9.44 16.96 16.66
N LYS A 369 8.23 16.64 16.19
CA LYS A 369 7.23 15.92 16.98
C LYS A 369 7.53 14.47 16.79
N ARG A 370 8.39 13.95 17.65
CA ARG A 370 8.95 12.62 17.53
C ARG A 370 7.86 11.57 17.69
N VAL A 371 7.87 10.54 16.85
CA VAL A 371 6.84 9.51 16.89
C VAL A 371 7.37 8.17 16.36
N ARG A 372 6.82 7.07 16.88
CA ARG A 372 7.16 5.72 16.42
C ARG A 372 6.29 5.33 15.22
N LEU A 373 6.93 4.99 14.11
CA LEU A 373 6.24 4.63 12.88
C LEU A 373 6.80 3.32 12.34
N PHE A 374 6.10 2.74 11.39
CA PHE A 374 6.52 1.49 10.76
C PHE A 374 6.64 1.73 9.28
N LEU A 375 7.87 1.91 8.82
CA LEU A 375 8.14 2.39 7.47
C LEU A 375 9.05 1.45 6.69
N ASN A 376 8.98 1.55 5.37
CA ASN A 376 9.88 0.82 4.49
C ASN A 376 11.18 1.57 4.21
N VAL A 377 12.23 1.17 4.90
CA VAL A 377 13.58 1.76 4.75
C VAL A 377 14.62 0.66 4.60
N GLU A 378 15.82 1.01 4.16
CA GLU A 378 16.92 0.06 4.01
C GLU A 378 17.22 -0.60 5.35
N ASN A 379 17.38 -1.93 5.34
CA ASN A 379 17.67 -2.70 6.54
C ASN A 379 18.77 -2.06 7.37
N GLN A 380 19.91 -1.80 6.72
CA GLN A 380 21.11 -1.25 7.38
C GLN A 380 21.48 -2.04 8.63
N GLY A 381 21.41 -3.35 8.54
CA GLY A 381 21.89 -4.22 9.59
C GLY A 381 20.99 -4.32 10.80
N THR A 382 19.69 -4.06 10.62
CA THR A 382 18.71 -4.24 11.69
C THR A 382 18.38 -5.72 11.84
N LEU A 383 18.10 -6.39 10.73
CA LEU A 383 17.99 -7.84 10.69
C LEU A 383 19.29 -8.37 10.06
N LYS A 384 20.14 -8.99 10.88
CA LYS A 384 21.52 -9.34 10.49
C LYS A 384 21.62 -10.33 9.31
N ASP A 385 20.67 -11.24 9.18
CA ASP A 385 20.76 -12.28 8.14
C ASP A 385 20.43 -11.81 6.71
N PHE A 386 20.18 -10.51 6.55
CA PHE A 386 19.76 -9.96 5.28
C PHE A 386 20.69 -8.84 4.92
N PRO A 387 20.83 -8.51 3.64
CA PRO A 387 21.77 -7.48 3.21
C PRO A 387 21.41 -6.11 3.78
N ASP A 388 22.38 -5.21 3.80
CA ASP A 388 22.16 -3.88 4.35
C ASP A 388 21.28 -3.00 3.47
N ASP A 389 21.29 -3.26 2.16
CA ASP A 389 20.65 -2.36 1.20
C ASP A 389 19.18 -2.71 0.91
N VAL A 390 18.77 -3.94 1.19
CA VAL A 390 17.38 -4.36 1.02
C VAL A 390 16.39 -3.54 1.87
N VAL A 391 15.34 -3.04 1.23
CA VAL A 391 14.29 -2.26 1.90
C VAL A 391 13.36 -3.19 2.66
N GLU A 393 10.13 -3.30 6.02
CA GLU A 393 9.20 -2.60 6.89
C GLU A 393 9.67 -2.76 8.33
N LEU A 394 10.13 -1.66 8.92
CA LEU A 394 10.76 -1.66 10.24
C LEU A 394 10.15 -0.64 11.19
N PRO A 395 10.19 -0.93 12.48
CA PRO A 395 9.75 0.01 13.49
C PRO A 395 10.80 1.09 13.72
N VAL A 396 10.43 2.35 13.50
CA VAL A 396 11.39 3.43 13.57
C VAL A 396 10.85 4.60 14.37
N TRP A 397 11.77 5.37 14.94
CA TRP A 397 11.46 6.62 15.60
C TRP A 397 11.86 7.69 14.64
N VAL A 398 11.03 8.71 14.51
CA VAL A 398 11.26 9.78 13.55
C VAL A 398 11.18 11.11 14.28
N ASP A 399 12.21 11.93 14.09
CA ASP A 399 12.26 13.28 14.63
C ASP A 399 12.87 14.18 13.55
N CYS A 400 13.38 15.34 13.91
CA CYS A 400 13.91 16.27 12.93
C CYS A 400 15.27 15.84 12.37
N CYS A 401 15.93 14.91 13.06
CA CYS A 401 17.18 14.33 12.55
C CYS A 401 16.97 13.15 11.60
N GLY A 402 15.72 12.78 11.34
CA GLY A 402 15.41 11.75 10.36
C GLY A 402 14.91 10.45 10.99
N ILE A 403 15.08 9.35 10.26
CA ILE A 403 14.64 8.05 10.71
C ILE A 403 15.72 7.35 11.54
N HIS A 404 15.31 6.79 12.69
CA HIS A 404 16.16 6.01 13.58
C HIS A 404 15.50 4.64 13.83
N ARG A 405 16.18 3.56 13.50
CA ARG A 405 15.59 2.23 13.61
C ARG A 405 15.64 1.68 15.03
N GLU A 406 14.55 1.08 15.50
CA GLU A 406 14.52 0.36 16.78
C GLU A 406 15.29 -0.94 16.59
N LYS A 407 15.87 -1.45 17.67
CA LYS A 407 16.42 -2.79 17.65
C LYS A 407 15.24 -3.78 17.56
N VAL A 408 15.38 -4.79 16.72
CA VAL A 408 14.33 -5.78 16.56
C VAL A 408 14.65 -6.97 17.44
N GLU A 409 13.77 -7.22 18.40
CA GLU A 409 14.01 -8.19 19.47
C GLU A 409 12.66 -8.70 20.01
N PRO A 410 12.40 -10.00 20.03
CA PRO A 410 13.31 -11.04 19.54
C PRO A 410 13.45 -11.04 18.03
N ASP A 411 14.50 -11.70 17.54
CA ASP A 411 14.73 -11.84 16.10
C ASP A 411 13.61 -12.65 15.51
N LEU A 412 13.37 -12.45 14.22
CA LEU A 412 12.34 -13.24 13.53
C LEU A 412 12.83 -14.68 13.49
N THR A 413 11.90 -15.63 13.48
CA THR A 413 12.26 -17.06 13.56
C THR A 413 12.96 -17.53 12.30
N HIS A 414 13.72 -18.61 12.43
CA HIS A 414 14.45 -19.21 11.32
C HIS A 414 13.52 -19.52 10.14
N ARG A 415 12.34 -20.06 10.44
CA ARG A 415 11.39 -20.47 9.41
C ARG A 415 10.83 -19.28 8.65
N ILE A 416 10.60 -18.18 9.35
CA ILE A 416 10.16 -16.97 8.68
C ILE A 416 11.24 -16.56 7.67
N LYS A 417 12.49 -16.56 8.11
CA LYS A 417 13.58 -16.08 7.26
C LYS A 417 13.70 -16.94 6.01
N ILE A 418 13.79 -18.26 6.17
CA ILE A 418 14.07 -19.13 5.03
C ILE A 418 12.83 -19.46 4.19
N PHE A 419 11.65 -19.54 4.81
CA PHE A 419 10.43 -19.85 4.08
C PHE A 419 9.68 -18.62 3.60
N TYR A 420 9.70 -17.50 4.31
CA TYR A 420 8.90 -16.36 3.88
C TYR A 420 9.71 -15.21 3.33
N LEU A 421 10.53 -14.60 4.16
CA LEU A 421 11.23 -13.36 3.81
C LEU A 421 12.22 -13.50 2.67
N TRP A 422 13.08 -14.52 2.70
CA TRP A 422 14.08 -14.64 1.65
C TRP A 422 13.45 -14.91 0.28
N PRO A 423 12.52 -15.87 0.17
CA PRO A 423 11.77 -16.05 -1.09
C PRO A 423 11.11 -14.79 -1.61
N ARG A 424 10.57 -13.98 -0.70
CA ARG A 424 9.88 -12.76 -1.09
C ARG A 424 10.88 -11.69 -1.55
N ILE A 425 12.04 -11.59 -0.90
CA ILE A 425 13.09 -10.68 -1.35
C ILE A 425 13.59 -11.06 -2.76
N LEU A 426 13.70 -12.35 -3.04
CA LEU A 426 14.19 -12.79 -4.34
C LEU A 426 13.19 -12.49 -5.43
N ARG A 427 11.91 -12.70 -5.13
CA ARG A 427 10.84 -12.38 -6.07
C ARG A 427 10.89 -10.88 -6.44
N GLU A 429 13.73 -9.08 -6.34
CA GLU A 429 14.93 -8.99 -7.20
C GLU A 429 14.61 -9.46 -8.62
N TRP A 430 13.73 -10.45 -8.74
CA TRP A 430 13.29 -10.94 -10.04
C TRP A 430 12.51 -9.85 -10.80
N ASN A 431 11.57 -9.22 -10.11
CA ASN A 431 10.76 -8.14 -10.68
C ASN A 431 11.58 -6.93 -11.12
N LEU A 432 12.62 -6.58 -10.37
CA LEU A 432 13.49 -5.46 -10.72
C LEU A 432 14.39 -5.76 -11.92
N GLU A 433 14.84 -7.02 -12.02
CA GLU A 433 15.65 -7.44 -13.16
C GLU A 433 14.81 -7.40 -14.44
N ALA A 434 13.54 -7.75 -14.33
CA ALA A 434 12.62 -7.78 -15.48
C ALA A 434 12.45 -6.38 -16.04
N TYR A 435 12.23 -5.43 -15.13
CA TYR A 435 12.17 -4.01 -15.46
C TYR A 435 13.45 -3.47 -16.08
N ILE A 436 14.57 -3.64 -15.38
CA ILE A 436 15.81 -2.96 -15.75
C ILE A 436 16.37 -3.53 -17.04
N SER A 437 16.27 -4.85 -17.20
CA SER A 437 16.82 -5.51 -18.37
C SER A 437 15.98 -5.30 -19.63
N ARG A 438 14.71 -4.93 -19.48
CA ARG A 438 13.76 -4.81 -20.60
C ARG A 438 13.62 -6.13 -21.37
N ASP A 439 13.66 -7.24 -20.66
CA ASP A 439 13.78 -8.56 -21.27
C ASP A 439 12.60 -9.49 -20.94
N ARG A 440 11.86 -9.91 -21.97
CA ARG A 440 10.72 -10.82 -21.81
C ARG A 440 11.14 -12.12 -21.15
N LYS A 441 12.34 -12.59 -21.48
CA LYS A 441 12.88 -13.84 -20.95
C LYS A 441 12.84 -13.88 -19.41
N VAL A 442 13.10 -12.75 -18.77
CA VAL A 442 13.03 -12.68 -17.33
C VAL A 442 11.58 -12.89 -16.90
N LEU A 443 10.64 -12.23 -17.58
CA LEU A 443 9.22 -12.45 -17.26
C LEU A 443 8.82 -13.92 -17.45
N GLU A 444 9.31 -14.52 -18.54
CA GLU A 444 9.08 -15.93 -18.81
C GLU A 444 9.62 -16.80 -17.69
N GLU A 445 10.83 -16.47 -17.24
CA GLU A 445 11.48 -17.23 -16.19
C GLU A 445 10.75 -17.11 -14.88
N ILE A 446 10.15 -15.96 -14.61
CA ILE A 446 9.32 -15.79 -13.40
C ILE A 446 8.12 -16.76 -13.45
N LEU A 447 7.46 -16.85 -14.59
CA LEU A 447 6.30 -17.72 -14.75
C LEU A 447 6.68 -19.19 -14.88
N ILE A 448 7.90 -19.46 -15.35
CA ILE A 448 8.41 -20.84 -15.35
C ILE A 448 8.43 -21.44 -13.92
N ARG A 449 8.51 -20.58 -12.91
CA ARG A 449 8.53 -21.02 -11.53
C ARG A 449 7.20 -20.83 -10.83
N ASP A 450 6.17 -20.50 -11.62
CA ASP A 450 4.82 -20.36 -11.10
C ASP A 450 4.19 -21.75 -11.00
N PRO A 451 3.71 -22.12 -9.81
CA PRO A 451 3.05 -23.41 -9.62
C PRO A 451 1.88 -23.74 -10.52
N ARG A 452 1.31 -22.78 -11.26
CA ARG A 452 0.21 -23.12 -12.16
C ARG A 452 0.56 -23.04 -13.65
N THR A 453 1.85 -22.99 -13.95
CA THR A 453 2.33 -23.13 -15.33
C THR A 453 2.38 -24.60 -15.71
N LYS A 454 1.73 -24.97 -16.81
CA LYS A 454 1.64 -26.36 -17.29
C LYS A 454 2.62 -26.63 -18.42
N SER A 455 2.85 -25.61 -19.26
CA SER A 455 3.87 -25.65 -20.31
C SER A 455 4.52 -24.28 -20.52
N TYR A 456 5.58 -24.25 -21.31
CA TYR A 456 6.25 -23.02 -21.73
C TYR A 456 5.44 -22.25 -22.78
N GLU A 457 4.81 -23.01 -23.68
CA GLU A 457 3.86 -22.44 -24.64
C GLU A 457 2.82 -21.60 -23.93
N GLN A 458 2.30 -22.11 -22.82
CA GLN A 458 1.32 -21.39 -22.02
C GLN A 458 1.79 -20.00 -21.59
N ILE A 459 3.00 -19.88 -21.05
CA ILE A 459 3.45 -18.56 -20.55
C ILE A 459 3.71 -17.58 -21.71
N VAL A 460 4.16 -18.10 -22.84
CA VAL A 460 4.39 -17.28 -24.02
C VAL A 460 3.07 -16.68 -24.53
N GLN A 461 1.99 -17.47 -24.49
CA GLN A 461 0.69 -17.02 -24.96
C GLN A 461 -0.02 -16.08 -23.98
N VAL A 462 0.20 -16.25 -22.69
CA VAL A 462 -0.38 -15.31 -21.74
C VAL A 462 0.30 -13.98 -21.96
N LEU A 463 1.63 -13.97 -21.90
CA LEU A 463 2.42 -12.76 -22.06
C LEU A 463 2.11 -12.04 -23.38
N ASP A 464 2.07 -12.79 -24.48
CA ASP A 464 1.67 -12.23 -25.77
C ASP A 464 0.34 -11.48 -25.69
N GLU A 465 -0.68 -12.14 -25.14
CA GLU A 465 -2.01 -11.57 -25.12
C GLU A 465 -2.05 -10.33 -24.23
N ILE A 466 -1.40 -10.41 -23.07
CA ILE A 466 -1.32 -9.28 -22.19
C ILE A 466 -0.66 -8.09 -22.89
N PHE A 467 0.49 -8.34 -23.51
CA PHE A 467 1.25 -7.30 -24.22
C PHE A 467 0.46 -6.65 -25.37
N ASN A 468 -0.46 -7.39 -25.97
CA ASN A 468 -1.23 -6.90 -27.12
C ASN A 468 -2.55 -6.22 -26.79
N LEU A 469 -2.88 -6.12 -25.51
CA LEU A 469 -4.00 -5.29 -25.09
C LEU A 469 -3.68 -3.83 -25.43
N PRO A 470 -4.62 -3.13 -26.08
CA PRO A 470 -4.36 -1.78 -26.62
C PRO A 470 -3.76 -0.77 -25.65
N PHE A 471 -4.15 -0.84 -24.38
CA PHE A 471 -3.63 0.08 -23.36
C PHE A 471 -2.23 -0.26 -22.85
N ASN A 472 -1.66 -1.37 -23.34
CA ASN A 472 -0.30 -1.77 -23.04
C ASN A 472 0.63 -1.51 -24.22
N GLU A 473 0.22 -0.62 -25.14
CA GLU A 473 1.03 -0.35 -26.32
C GLU A 473 2.44 0.05 -25.96
N GLU A 474 2.61 0.93 -24.98
CA GLU A 474 3.95 1.39 -24.59
C GLU A 474 4.67 0.39 -23.69
N LEU A 475 3.92 -0.46 -22.97
CA LEU A 475 4.51 -1.59 -22.24
C LEU A 475 5.26 -2.56 -23.15
N ARG A 476 4.64 -2.94 -24.25
CA ARG A 476 5.24 -3.89 -25.17
C ARG A 476 6.35 -3.26 -26.02
N ARG A 477 6.24 -1.95 -26.27
CA ARG A 477 7.33 -1.22 -26.91
C ARG A 477 8.54 -1.10 -25.99
N TYR A 478 8.32 -1.17 -24.67
CA TYR A 478 9.41 -1.21 -23.71
C TYR A 478 10.13 -2.57 -23.71
N TYR A 479 9.39 -3.65 -23.98
CA TYR A 479 9.96 -5.01 -24.03
C TYR A 479 10.20 -5.51 -25.45
N LYS A 480 10.40 -4.59 -26.39
CA LYS A 480 10.52 -4.97 -27.79
C LYS A 480 11.99 -5.20 -28.13
N GLU A 481 12.25 -6.29 -28.85
CA GLU A 481 13.62 -6.76 -29.18
C GLU A 481 14.54 -5.65 -29.72
#